data_8C47
#
_entry.id   8C47
#
_cell.length_a   171.297
_cell.length_b   171.297
_cell.length_c   43.694
_cell.angle_alpha   90.000
_cell.angle_beta   90.000
_cell.angle_gamma   90.000
#
_symmetry.space_group_name_H-M   'I 41'
#
loop_
_entity.id
_entity.type
_entity.pdbx_description
1 polymer Profilin
2 polymer Actin
3 non-polymer GLYCEROL
4 non-polymer "ADENOSINE-5'-TRIPHOSPHATE"
5 non-polymer 'CALCIUM ION'
6 water water
#
loop_
_entity_poly.entity_id
_entity_poly.type
_entity_poly.pdbx_seq_one_letter_code
_entity_poly.pdbx_strand_id
1 'polypeptide(L)'
;GPSWQAYVDDSLIGSGNMHSAAIIGAADGSYWAYGGSYVPQPEEVQHIQKCLSDFSFVQSSGVNIYGVKFFGLQCGTDGD
CKYIFFKKGAAGGCIYTTKQAFIVAVYGNPGDTSSLQQDLEKNTAHAVTVNPADCNTTVKRIADYLIKLGY
;
B
2 'polypeptide(L)'
;ADNEQSSIVCDNGSGMVKAGFSGDDAPRHVFPSIVGRPKNMQAMMGSANKTVYVGDEAQSKRGVLSLKYPIEHGIVTNWD
DMEKIWHHTFYNELRVNPEQHNVLLTEAPMNPKQNREKMTQIMFETFNVPSLYIGIQAVLSLYSSGRTTGIVLDAGDGVT
HTVPIYEGYSLPHAVRRVDMAGRDLTEYLMKIMMETGTTFTTTAEKEIVRNVKEQLCYVALDFEEEMTNSAKSANEEAFE
LPDGNVMMVGNQRFRCPEVLFKPSLIGLDEAPGFPEMVYQSINKCDIDVRRELYGNIVLSGGSTMFLNLPERLAKEISNL
APSSIKPKVVAPPERKYSVWIGGSILSSLTTFQTMWVKKSEYDESGPSIVHNKCF
;
A
#
# COMPACT_ATOMS: atom_id res chain seq x y z
N GLY A 1 20.01 -13.35 40.38
CA GLY A 1 18.96 -12.43 39.94
C GLY A 1 18.96 -12.22 38.43
N PRO A 2 17.82 -11.76 37.90
CA PRO A 2 17.73 -11.50 36.46
C PRO A 2 18.41 -10.19 36.08
N SER A 3 19.70 -10.27 35.75
CA SER A 3 20.48 -9.08 35.45
C SER A 3 20.00 -8.43 34.15
N TRP A 4 20.36 -7.15 34.00
CA TRP A 4 20.06 -6.45 32.75
C TRP A 4 20.78 -7.09 31.57
N GLN A 5 22.03 -7.52 31.79
CA GLN A 5 22.79 -8.17 30.72
C GLN A 5 22.14 -9.48 30.29
N ALA A 6 21.52 -10.20 31.22
CA ALA A 6 20.84 -11.45 30.86
C ALA A 6 19.66 -11.18 29.94
N TYR A 7 18.95 -10.08 30.15
CA TYR A 7 17.88 -9.70 29.23
C TYR A 7 18.43 -9.48 27.84
N VAL A 8 19.55 -8.77 27.73
CA VAL A 8 20.18 -8.57 26.43
C VAL A 8 20.68 -9.89 25.87
N ASP A 9 21.29 -10.73 26.71
CA ASP A 9 21.90 -11.96 26.24
C ASP A 9 20.85 -13.02 25.89
N ASP A 10 19.92 -13.27 26.80
CA ASP A 10 18.98 -14.38 26.66
C ASP A 10 17.61 -13.97 26.15
N SER A 11 17.07 -12.84 26.63
CA SER A 11 15.71 -12.46 26.25
C SER A 11 15.69 -11.71 24.92
N LEU A 12 16.73 -10.96 24.60
CA LEU A 12 16.74 -10.14 23.39
C LEU A 12 17.56 -10.80 22.29
N ILE A 13 18.89 -10.79 22.43
CA ILE A 13 19.74 -11.40 21.41
C ILE A 13 19.50 -12.91 21.35
N GLY A 14 19.33 -13.55 22.51
CA GLY A 14 19.14 -14.98 22.58
C GLY A 14 17.87 -15.48 21.93
N SER A 15 16.95 -14.59 21.58
CA SER A 15 15.73 -14.98 20.89
C SER A 15 15.98 -15.31 19.42
N GLY A 16 17.11 -14.88 18.87
CA GLY A 16 17.42 -15.11 17.46
C GLY A 16 16.84 -14.07 16.52
N ASN A 17 16.05 -13.13 17.01
CA ASN A 17 15.43 -12.11 16.17
C ASN A 17 16.27 -10.83 16.09
N MET A 18 17.51 -10.87 16.58
CA MET A 18 18.39 -9.71 16.58
C MET A 18 19.80 -10.18 16.96
N HIS A 19 20.80 -9.52 16.38
CA HIS A 19 22.19 -9.81 16.70
C HIS A 19 22.81 -8.79 17.63
N SER A 20 22.13 -7.66 17.87
CA SER A 20 22.63 -6.63 18.78
C SER A 20 21.45 -6.03 19.52
N ALA A 21 21.67 -5.72 20.80
CA ALA A 21 20.63 -5.12 21.63
C ALA A 21 21.29 -4.31 22.73
N ALA A 22 20.56 -3.31 23.22
CA ALA A 22 21.08 -2.44 24.28
C ALA A 22 19.91 -1.83 25.04
N ILE A 23 19.98 -1.90 26.37
CA ILE A 23 19.05 -1.20 27.25
C ILE A 23 19.76 0.03 27.78
N ILE A 24 19.16 1.20 27.58
CA ILE A 24 19.84 2.48 27.77
C ILE A 24 18.95 3.39 28.62
N GLY A 25 19.56 4.04 29.61
CA GLY A 25 18.84 5.00 30.43
C GLY A 25 18.24 6.13 29.61
N ALA A 26 16.95 6.40 29.83
CA ALA A 26 16.25 7.33 28.94
C ALA A 26 16.78 8.75 29.08
N ALA A 27 17.07 9.19 30.31
CA ALA A 27 17.52 10.56 30.53
C ALA A 27 19.04 10.69 30.51
N ASP A 28 19.74 9.86 31.28
CA ASP A 28 21.19 9.98 31.38
C ASP A 28 21.94 9.31 30.24
N GLY A 29 21.25 8.52 29.41
CA GLY A 29 21.91 7.84 28.32
C GLY A 29 22.91 6.80 28.75
N SER A 30 22.83 6.32 29.99
CA SER A 30 23.77 5.33 30.49
C SER A 30 23.47 3.95 29.90
N TYR A 31 24.52 3.13 29.79
CA TYR A 31 24.41 1.81 29.22
C TYR A 31 24.04 0.81 30.32
N TRP A 32 22.75 0.56 30.46
CA TRP A 32 22.30 -0.44 31.43
C TRP A 32 22.82 -1.82 31.07
N ALA A 33 22.79 -2.16 29.78
CA ALA A 33 23.31 -3.42 29.27
C ALA A 33 23.36 -3.30 27.75
N TYR A 34 24.31 -4.02 27.14
CA TYR A 34 24.45 -3.99 25.69
C TYR A 34 25.13 -5.27 25.24
N GLY A 35 24.87 -5.65 24.00
CA GLY A 35 25.48 -6.84 23.42
C GLY A 35 25.48 -6.75 21.92
N GLY A 36 26.48 -7.37 21.30
CA GLY A 36 26.63 -7.31 19.87
C GLY A 36 27.45 -6.12 19.42
N SER A 37 27.61 -6.03 18.10
CA SER A 37 28.42 -4.96 17.52
C SER A 37 27.61 -3.71 17.20
N TYR A 38 26.33 -3.86 16.86
CA TYR A 38 25.49 -2.73 16.48
C TYR A 38 24.80 -2.16 17.71
N VAL A 39 25.61 -1.55 18.55
CA VAL A 39 25.17 -0.84 19.75
C VAL A 39 25.46 0.65 19.55
N PRO A 40 24.50 1.54 19.82
CA PRO A 40 24.74 2.95 19.55
C PRO A 40 25.80 3.55 20.45
N GLN A 41 26.65 4.39 19.86
CA GLN A 41 27.65 5.14 20.60
C GLN A 41 26.98 6.27 21.38
N PRO A 42 27.69 6.89 22.33
CA PRO A 42 27.07 7.98 23.10
C PRO A 42 26.45 9.09 22.24
N GLU A 43 27.17 9.57 21.23
CA GLU A 43 26.61 10.58 20.34
C GLU A 43 25.41 10.03 19.58
N GLU A 44 25.46 8.75 19.22
CA GLU A 44 24.31 8.11 18.59
C GLU A 44 23.16 7.93 19.58
N VAL A 45 23.48 7.79 20.86
CA VAL A 45 22.44 7.71 21.89
C VAL A 45 21.72 9.04 22.01
N GLN A 46 22.47 10.15 22.04
CA GLN A 46 21.86 11.47 22.13
C GLN A 46 20.97 11.75 20.93
N HIS A 47 21.36 11.28 19.75
CA HIS A 47 20.52 11.45 18.58
C HIS A 47 19.22 10.66 18.72
N ILE A 48 19.30 9.44 19.24
CA ILE A 48 18.10 8.64 19.46
C ILE A 48 17.19 9.32 20.48
N GLN A 49 17.78 9.89 21.54
CA GLN A 49 16.98 10.60 22.54
C GLN A 49 16.27 11.79 21.92
N LYS A 50 16.98 12.56 21.08
CA LYS A 50 16.33 13.66 20.38
C LYS A 50 15.26 13.14 19.41
N CYS A 51 15.48 11.96 18.84
CA CYS A 51 14.49 11.38 17.94
C CYS A 51 13.23 10.97 18.69
N LEU A 52 13.38 10.45 19.92
CA LEU A 52 12.22 10.07 20.71
C LEU A 52 11.42 11.28 21.17
N SER A 53 12.06 12.44 21.27
CA SER A 53 11.36 13.68 21.62
C SER A 53 10.74 14.36 20.41
N ASP A 54 11.16 14.03 19.20
CA ASP A 54 10.63 14.64 17.99
C ASP A 54 10.73 13.63 16.86
N PHE A 55 9.60 13.03 16.49
CA PHE A 55 9.61 12.00 15.45
C PHE A 55 10.01 12.55 14.08
N SER A 56 9.84 13.84 13.84
CA SER A 56 10.24 14.41 12.56
C SER A 56 11.74 14.28 12.32
N PHE A 57 12.53 14.14 13.39
CA PHE A 57 13.96 13.89 13.23
C PHE A 57 14.23 12.52 12.64
N VAL A 58 13.39 11.52 12.98
CA VAL A 58 13.53 10.20 12.39
C VAL A 58 13.19 10.24 10.91
N GLN A 59 12.12 10.95 10.56
CA GLN A 59 11.67 10.99 9.17
C GLN A 59 12.71 11.64 8.27
N SER A 60 13.38 12.67 8.76
CA SER A 60 14.33 13.42 7.94
C SER A 60 15.73 12.83 7.95
N SER A 61 16.13 12.17 9.04
CA SER A 61 17.51 11.70 9.13
C SER A 61 17.68 10.28 9.62
N GLY A 62 16.62 9.59 10.05
CA GLY A 62 16.77 8.22 10.51
C GLY A 62 17.53 8.15 11.83
N VAL A 63 18.19 7.01 12.04
CA VAL A 63 19.02 6.79 13.21
C VAL A 63 20.35 6.18 12.78
N ASN A 64 21.41 6.50 13.52
CA ASN A 64 22.74 5.98 13.27
C ASN A 64 23.11 5.02 14.39
N ILE A 65 23.61 3.84 14.00
CA ILE A 65 24.04 2.82 14.96
C ILE A 65 25.31 2.17 14.40
N TYR A 66 26.37 2.13 15.22
CA TYR A 66 27.64 1.51 14.82
C TYR A 66 28.21 2.19 13.57
N GLY A 67 27.94 3.49 13.41
CA GLY A 67 28.40 4.23 12.25
C GLY A 67 27.57 4.04 11.00
N VAL A 68 26.51 3.24 11.05
CA VAL A 68 25.66 2.96 9.89
C VAL A 68 24.38 3.76 10.01
N LYS A 69 23.98 4.39 8.91
CA LYS A 69 22.73 5.15 8.87
C LYS A 69 21.57 4.23 8.50
N PHE A 70 20.53 4.23 9.33
CA PHE A 70 19.31 3.48 9.06
C PHE A 70 18.18 4.44 8.74
N PHE A 71 17.40 4.10 7.72
CA PHE A 71 16.23 4.91 7.36
C PHE A 71 15.10 4.67 8.34
N GLY A 72 14.41 5.74 8.73
CA GLY A 72 13.23 5.61 9.57
C GLY A 72 12.04 5.17 8.73
N LEU A 73 11.32 4.17 9.22
CA LEU A 73 10.13 3.67 8.53
C LEU A 73 8.84 4.18 9.15
N GLN A 74 8.70 4.06 10.46
CA GLN A 74 7.43 4.34 11.12
C GLN A 74 7.68 4.58 12.61
N CYS A 75 7.03 5.60 13.14
CA CYS A 75 7.08 5.92 14.56
C CYS A 75 5.66 6.01 15.11
N GLY A 76 5.57 6.14 16.42
CA GLY A 76 4.28 6.28 17.07
C GLY A 76 4.36 5.86 18.53
N THR A 77 3.18 5.72 19.12
CA THR A 77 3.06 5.32 20.52
C THR A 77 2.12 4.12 20.60
N ASP A 78 2.60 3.05 21.24
CA ASP A 78 1.80 1.84 21.47
C ASP A 78 1.32 1.77 22.91
N GLY A 79 0.69 2.83 23.37
CA GLY A 79 0.30 2.95 24.78
C GLY A 79 1.37 3.70 25.57
N ASP A 80 1.97 3.00 26.54
CA ASP A 80 3.11 3.55 27.27
C ASP A 80 4.43 3.39 26.52
N CYS A 81 4.39 2.85 25.30
CA CYS A 81 5.59 2.56 24.52
C CYS A 81 5.68 3.53 23.36
N LYS A 82 6.76 4.29 23.31
CA LYS A 82 7.15 5.01 22.10
C LYS A 82 8.04 4.09 21.28
N TYR A 83 7.74 3.95 19.99
CA TYR A 83 8.46 3.01 19.14
C TYR A 83 8.99 3.72 17.90
N ILE A 84 10.12 3.24 17.40
CA ILE A 84 10.75 3.71 16.17
C ILE A 84 11.21 2.49 15.40
N PHE A 85 10.74 2.33 14.16
CA PHE A 85 11.19 1.26 13.29
C PHE A 85 12.13 1.83 12.24
N PHE A 86 13.25 1.13 12.02
CA PHE A 86 14.23 1.58 11.04
C PHE A 86 14.72 0.40 10.22
N LYS A 87 15.38 0.72 9.10
CA LYS A 87 15.80 -0.30 8.14
C LYS A 87 16.97 0.24 7.34
N LYS A 88 17.82 -0.70 6.87
CA LYS A 88 18.92 -0.35 5.98
C LYS A 88 19.31 -1.62 5.23
N GLY A 89 18.91 -1.70 3.96
CA GLY A 89 19.15 -2.91 3.19
C GLY A 89 18.47 -4.09 3.85
N ALA A 90 19.21 -5.18 4.03
CA ALA A 90 18.70 -6.37 4.69
C ALA A 90 18.66 -6.24 6.20
N ALA A 91 19.15 -5.14 6.76
CA ALA A 91 19.21 -4.96 8.21
C ALA A 91 18.13 -3.98 8.66
N GLY A 92 18.09 -3.74 9.95
CA GLY A 92 17.11 -2.84 10.55
C GLY A 92 16.98 -3.13 12.03
N GLY A 93 15.89 -2.65 12.60
CA GLY A 93 15.62 -2.90 14.01
C GLY A 93 14.53 -1.97 14.51
N CYS A 94 14.52 -1.80 15.83
CA CYS A 94 13.47 -1.03 16.48
C CYS A 94 13.99 -0.44 17.78
N ILE A 95 13.36 0.65 18.20
CA ILE A 95 13.61 1.30 19.48
C ILE A 95 12.29 1.35 20.23
N TYR A 96 12.25 0.79 21.44
CA TYR A 96 11.06 0.79 22.26
C TYR A 96 11.39 1.40 23.61
N THR A 97 10.59 2.38 24.03
CA THR A 97 10.81 3.05 25.30
C THR A 97 10.06 2.34 26.42
N THR A 98 10.62 2.44 27.62
CA THR A 98 9.97 1.98 28.84
C THR A 98 9.67 3.19 29.72
N LYS A 99 9.54 2.96 31.03
CA LYS A 99 9.28 4.06 31.94
C LYS A 99 10.51 4.95 32.11
N GLN A 100 11.68 4.33 32.35
CA GLN A 100 12.90 5.08 32.59
C GLN A 100 14.05 4.65 31.69
N ALA A 101 13.75 3.96 30.58
CA ALA A 101 14.79 3.48 29.68
C ALA A 101 14.17 3.20 28.32
N PHE A 102 15.03 2.87 27.36
CA PHE A 102 14.59 2.41 26.04
C PHE A 102 15.53 1.33 25.55
N ILE A 103 15.00 0.47 24.68
CA ILE A 103 15.73 -0.69 24.15
C ILE A 103 15.95 -0.48 22.66
N VAL A 104 17.19 -0.70 22.21
CA VAL A 104 17.56 -0.61 20.81
C VAL A 104 17.99 -2.00 20.35
N ALA A 105 17.35 -2.49 19.29
CA ALA A 105 17.64 -3.81 18.73
C ALA A 105 17.99 -3.67 17.26
N VAL A 106 18.93 -4.51 16.81
CA VAL A 106 19.37 -4.50 15.40
C VAL A 106 19.48 -5.94 14.92
N TYR A 107 18.93 -6.20 13.73
CA TYR A 107 19.02 -7.49 13.06
C TYR A 107 19.65 -7.30 11.68
N GLY A 108 20.14 -8.40 11.11
CA GLY A 108 20.52 -8.44 9.71
C GLY A 108 21.82 -7.73 9.38
N ASN A 109 22.13 -7.75 8.07
CA ASN A 109 23.36 -7.20 7.53
C ASN A 109 23.04 -5.98 6.67
N PRO A 110 23.48 -4.78 7.06
CA PRO A 110 23.10 -3.57 6.29
C PRO A 110 23.80 -3.46 4.94
N GLY A 111 24.95 -4.09 4.76
CA GLY A 111 25.60 -4.09 3.47
C GLY A 111 25.01 -5.04 2.45
N ASP A 112 24.00 -5.80 2.85
CA ASP A 112 23.36 -6.78 1.98
C ASP A 112 21.97 -6.30 1.57
N THR A 113 21.53 -6.77 0.41
CA THR A 113 20.16 -6.51 -0.02
C THR A 113 19.21 -7.48 0.68
N SER A 114 17.96 -7.04 0.83
CA SER A 114 16.99 -7.84 1.57
C SER A 114 16.73 -9.17 0.87
N SER A 115 16.34 -10.17 1.66
CA SER A 115 16.08 -11.49 1.10
C SER A 115 14.85 -11.48 0.20
N LEU A 116 13.87 -10.62 0.47
CA LEU A 116 12.73 -10.50 -0.42
C LEU A 116 13.13 -9.93 -1.77
N GLN A 117 14.03 -8.94 -1.77
CA GLN A 117 14.51 -8.37 -3.03
C GLN A 117 15.34 -9.38 -3.81
N GLN A 118 16.15 -10.18 -3.11
CA GLN A 118 16.90 -11.24 -3.78
C GLN A 118 15.95 -12.28 -4.37
N ASP A 119 14.91 -12.66 -3.61
CA ASP A 119 13.93 -13.59 -4.12
C ASP A 119 13.17 -13.01 -5.31
N LEU A 120 12.93 -11.69 -5.31
CA LEU A 120 12.30 -11.05 -6.45
C LEU A 120 13.18 -11.16 -7.68
N GLU A 121 14.50 -10.97 -7.51
CA GLU A 121 15.43 -11.14 -8.62
C GLU A 121 15.48 -12.60 -9.05
N LYS A 122 15.89 -13.48 -8.14
CA LYS A 122 15.92 -14.92 -8.39
C LYS A 122 15.39 -15.61 -7.14
N ASN A 123 14.18 -16.19 -7.25
CA ASN A 123 13.58 -16.92 -6.14
C ASN A 123 14.29 -18.25 -5.98
N THR A 124 15.17 -18.35 -4.98
CA THR A 124 15.94 -19.54 -4.72
C THR A 124 15.66 -20.04 -3.30
N ALA A 125 15.69 -21.36 -3.14
CA ALA A 125 15.53 -21.96 -1.82
C ALA A 125 16.76 -21.65 -0.97
N HIS A 126 16.55 -21.01 0.18
CA HIS A 126 17.65 -20.58 1.04
C HIS A 126 17.24 -20.73 2.50
N ALA A 127 18.13 -20.32 3.39
CA ALA A 127 17.86 -20.42 4.82
C ALA A 127 16.89 -19.33 5.26
N VAL A 128 16.26 -19.56 6.41
CA VAL A 128 15.28 -18.62 6.95
C VAL A 128 16.00 -17.40 7.48
N THR A 129 15.53 -16.22 7.08
CA THR A 129 16.06 -14.95 7.55
C THR A 129 15.20 -14.40 8.67
N VAL A 130 15.73 -13.38 9.36
CA VAL A 130 15.02 -12.77 10.48
C VAL A 130 13.85 -11.95 9.96
N ASN A 131 12.66 -12.24 10.45
CA ASN A 131 11.49 -11.42 10.13
C ASN A 131 11.54 -10.14 10.95
N PRO A 132 11.57 -8.96 10.32
CA PRO A 132 11.58 -7.71 11.09
C PRO A 132 10.42 -7.60 12.07
N ALA A 133 9.28 -8.19 11.75
CA ALA A 133 8.15 -8.19 12.67
C ALA A 133 8.46 -8.96 13.94
N ASP A 134 9.21 -10.06 13.83
CA ASP A 134 9.57 -10.85 15.01
C ASP A 134 10.51 -10.07 15.92
N CYS A 135 11.43 -9.30 15.35
CA CYS A 135 12.29 -8.45 16.15
C CYS A 135 11.47 -7.42 16.92
N ASN A 136 10.55 -6.74 16.22
CA ASN A 136 9.69 -5.76 16.87
C ASN A 136 8.87 -6.40 17.98
N THR A 137 8.27 -7.55 17.72
CA THR A 137 7.40 -8.21 18.69
C THR A 137 8.18 -8.62 19.93
N THR A 138 9.39 -9.17 19.75
CA THR A 138 10.18 -9.60 20.90
C THR A 138 10.55 -8.42 21.79
N VAL A 139 10.97 -7.30 21.19
CA VAL A 139 11.33 -6.13 21.98
C VAL A 139 10.09 -5.52 22.61
N LYS A 140 8.96 -5.55 21.91
CA LYS A 140 7.72 -5.00 22.46
C LYS A 140 7.25 -5.80 23.68
N ARG A 141 7.29 -7.14 23.59
N ARG A 141 7.30 -7.14 23.59
CA ARG A 141 6.94 -7.98 24.72
CA ARG A 141 6.91 -7.96 24.74
C ARG A 141 7.83 -7.68 25.91
C ARG A 141 7.84 -7.71 25.92
N ILE A 142 9.14 -7.58 25.67
CA ILE A 142 10.08 -7.28 26.75
C ILE A 142 9.75 -5.92 27.35
N ALA A 143 9.73 -4.88 26.51
CA ALA A 143 9.46 -3.53 26.98
C ALA A 143 8.17 -3.45 27.78
N ASP A 144 7.11 -4.12 27.31
CA ASP A 144 5.86 -4.15 28.06
C ASP A 144 6.06 -4.80 29.43
N TYR A 145 7.00 -5.74 29.54
CA TYR A 145 7.24 -6.40 30.82
C TYR A 145 7.96 -5.48 31.80
N LEU A 146 8.92 -4.69 31.34
CA LEU A 146 9.57 -3.75 32.25
C LEU A 146 8.60 -2.65 32.70
N ILE A 147 7.75 -2.17 31.79
CA ILE A 147 6.78 -1.15 32.17
C ILE A 147 5.84 -1.69 33.24
N LYS A 148 5.45 -2.96 33.13
CA LYS A 148 4.64 -3.58 34.17
C LYS A 148 5.39 -3.64 35.49
N LEU A 149 6.71 -3.88 35.43
CA LEU A 149 7.54 -3.85 36.63
C LEU A 149 7.85 -2.43 37.09
N GLY A 150 7.71 -1.44 36.21
CA GLY A 150 7.97 -0.06 36.57
C GLY A 150 9.26 0.52 36.04
N TYR A 151 10.02 -0.23 35.25
CA TYR A 151 11.28 0.25 34.71
C TYR A 151 11.09 0.92 33.35
N SER B 6 -2.15 -23.06 -4.72
CA SER B 6 -3.17 -23.30 -3.72
C SER B 6 -3.41 -22.05 -2.87
N SER B 7 -2.41 -21.19 -2.79
CA SER B 7 -2.56 -19.94 -2.04
C SER B 7 -3.48 -18.99 -2.79
N ILE B 8 -4.30 -18.26 -2.02
CA ILE B 8 -5.31 -17.35 -2.58
C ILE B 8 -4.80 -15.92 -2.49
N VAL B 9 -4.99 -15.16 -3.56
CA VAL B 9 -4.70 -13.73 -3.59
C VAL B 9 -6.00 -13.01 -3.93
N CYS B 10 -6.49 -12.19 -3.00
CA CYS B 10 -7.74 -11.46 -3.16
C CYS B 10 -7.46 -9.98 -2.92
N ASP B 11 -7.55 -9.18 -3.98
CA ASP B 11 -7.40 -7.73 -3.91
C ASP B 11 -8.78 -7.10 -3.96
N ASN B 12 -9.20 -6.51 -2.85
CA ASN B 12 -10.53 -5.93 -2.70
C ASN B 12 -10.44 -4.42 -2.91
N GLY B 13 -10.98 -3.94 -4.02
CA GLY B 13 -11.00 -2.53 -4.33
C GLY B 13 -12.37 -1.90 -4.09
N SER B 14 -12.40 -0.58 -4.24
CA SER B 14 -13.65 0.14 -4.02
C SER B 14 -14.69 -0.20 -5.08
N GLY B 15 -14.25 -0.62 -6.27
CA GLY B 15 -15.17 -0.92 -7.35
C GLY B 15 -15.09 -2.35 -7.86
N MET B 16 -13.89 -2.93 -7.88
CA MET B 16 -13.67 -4.24 -8.47
C MET B 16 -12.89 -5.12 -7.50
N VAL B 17 -13.28 -6.38 -7.42
CA VAL B 17 -12.55 -7.41 -6.68
C VAL B 17 -11.79 -8.26 -7.68
N LYS B 18 -10.51 -8.51 -7.40
CA LYS B 18 -9.65 -9.34 -8.24
C LYS B 18 -9.18 -10.53 -7.39
N ALA B 19 -9.65 -11.73 -7.73
CA ALA B 19 -9.35 -12.93 -6.98
C ALA B 19 -8.64 -13.95 -7.88
N GLY B 20 -7.68 -14.65 -7.30
CA GLY B 20 -6.99 -15.70 -8.03
C GLY B 20 -6.09 -16.49 -7.12
N PHE B 21 -5.20 -17.27 -7.75
CA PHE B 21 -4.29 -18.14 -7.04
C PHE B 21 -2.85 -17.65 -7.19
N SER B 22 -2.05 -17.91 -6.16
CA SER B 22 -0.65 -17.50 -6.19
C SER B 22 0.11 -18.29 -7.25
N GLY B 23 1.02 -17.60 -7.94
CA GLY B 23 1.78 -18.17 -9.02
C GLY B 23 1.26 -17.80 -10.41
N ASP B 24 -0.04 -17.54 -10.52
CA ASP B 24 -0.61 -17.11 -11.79
C ASP B 24 -0.15 -15.70 -12.13
N ASP B 25 -0.24 -15.36 -13.42
CA ASP B 25 0.21 -14.07 -13.93
C ASP B 25 -0.91 -13.06 -14.07
N ALA B 26 -2.15 -13.45 -13.78
CA ALA B 26 -3.28 -12.54 -13.92
C ALA B 26 -4.40 -13.02 -13.00
N PRO B 27 -5.21 -12.11 -12.46
CA PRO B 27 -6.34 -12.53 -11.61
C PRO B 27 -7.37 -13.31 -12.43
N ARG B 28 -7.76 -14.47 -11.92
CA ARG B 28 -8.68 -15.34 -12.64
C ARG B 28 -10.12 -14.88 -12.56
N HIS B 29 -10.47 -14.05 -11.58
CA HIS B 29 -11.87 -13.63 -11.42
C HIS B 29 -11.90 -12.16 -11.03
N VAL B 30 -12.46 -11.32 -11.91
CA VAL B 30 -12.60 -9.89 -11.65
C VAL B 30 -14.07 -9.55 -11.71
N PHE B 31 -14.62 -9.02 -10.62
CA PHE B 31 -16.05 -8.77 -10.58
C PHE B 31 -16.35 -7.56 -9.71
N PRO B 32 -17.44 -6.85 -9.97
CA PRO B 32 -17.73 -5.63 -9.20
C PRO B 32 -17.90 -5.91 -7.72
N SER B 33 -17.47 -4.95 -6.90
CA SER B 33 -17.52 -5.07 -5.44
C SER B 33 -18.79 -4.40 -4.92
N ILE B 34 -19.92 -5.01 -5.24
CA ILE B 34 -21.22 -4.49 -4.82
C ILE B 34 -22.07 -5.63 -4.27
N VAL B 35 -23.09 -5.25 -3.52
CA VAL B 35 -24.06 -6.19 -2.95
C VAL B 35 -25.45 -5.66 -3.25
N GLY B 36 -26.28 -6.50 -3.87
CA GLY B 36 -27.63 -6.13 -4.25
C GLY B 36 -28.65 -6.77 -3.32
N ARG B 37 -29.54 -5.94 -2.77
CA ARG B 37 -30.54 -6.42 -1.85
C ARG B 37 -31.93 -6.26 -2.44
N PRO B 38 -32.80 -7.26 -2.29
CA PRO B 38 -34.17 -7.14 -2.81
C PRO B 38 -34.88 -5.95 -2.19
N LYS B 39 -35.34 -5.05 -3.05
CA LYS B 39 -35.98 -3.81 -2.64
C LYS B 39 -37.24 -4.07 -1.82
N VAL B 52 -30.30 -11.87 -1.33
CA VAL B 52 -29.12 -11.02 -1.43
C VAL B 52 -28.21 -11.52 -2.56
N TYR B 53 -27.69 -10.58 -3.35
CA TYR B 53 -26.95 -10.90 -4.56
C TYR B 53 -25.68 -10.06 -4.64
N VAL B 54 -24.61 -10.65 -5.16
CA VAL B 54 -23.28 -10.07 -5.11
C VAL B 54 -22.61 -10.22 -6.47
N GLY B 55 -21.96 -9.14 -6.92
CA GLY B 55 -21.11 -9.21 -8.08
C GLY B 55 -21.77 -8.83 -9.40
N ASP B 56 -21.42 -9.58 -10.46
CA ASP B 56 -21.95 -9.29 -11.78
C ASP B 56 -23.46 -9.35 -11.80
N GLU B 57 -24.05 -10.23 -10.99
CA GLU B 57 -25.49 -10.46 -11.08
C GLU B 57 -26.24 -9.29 -10.46
N ALA B 58 -25.72 -8.75 -9.35
CA ALA B 58 -26.25 -7.51 -8.80
C ALA B 58 -26.14 -6.36 -9.79
N GLN B 59 -25.03 -6.30 -10.52
CA GLN B 59 -24.91 -5.32 -11.61
C GLN B 59 -26.05 -5.47 -12.61
N SER B 60 -26.26 -6.69 -13.09
CA SER B 60 -27.26 -6.92 -14.12
C SER B 60 -28.70 -6.79 -13.60
N LYS B 61 -28.90 -6.73 -12.29
CA LYS B 61 -30.27 -6.71 -11.79
C LYS B 61 -30.63 -5.46 -10.99
N ARG B 62 -30.41 -4.28 -11.57
CA ARG B 62 -30.74 -3.05 -10.87
C ARG B 62 -32.19 -2.64 -11.08
N GLY B 63 -33.12 -3.57 -10.90
CA GLY B 63 -34.54 -3.27 -11.04
C GLY B 63 -35.33 -3.71 -9.83
N VAL B 64 -34.89 -4.78 -9.18
CA VAL B 64 -35.45 -5.27 -7.95
C VAL B 64 -34.45 -5.18 -6.79
N LEU B 65 -33.32 -4.51 -7.02
CA LEU B 65 -32.21 -4.52 -6.07
C LEU B 65 -31.74 -3.11 -5.79
N SER B 66 -31.44 -2.86 -4.51
CA SER B 66 -30.67 -1.70 -4.08
C SER B 66 -29.21 -2.13 -3.96
N LEU B 67 -28.33 -1.32 -4.54
CA LEU B 67 -26.91 -1.66 -4.63
C LEU B 67 -26.12 -0.94 -3.55
N LYS B 68 -25.19 -1.66 -2.92
CA LYS B 68 -24.36 -1.12 -1.86
C LYS B 68 -22.90 -1.44 -2.15
N TYR B 69 -22.02 -0.51 -1.82
CA TYR B 69 -20.58 -0.69 -1.98
C TYR B 69 -19.95 -0.94 -0.62
N PRO B 70 -19.50 -2.16 -0.31
CA PRO B 70 -18.91 -2.42 1.01
C PRO B 70 -17.62 -1.66 1.26
N ILE B 71 -16.91 -1.23 0.22
CA ILE B 71 -15.64 -0.55 0.35
C ILE B 71 -15.78 0.83 -0.27
N GLU B 72 -15.51 1.87 0.52
CA GLU B 72 -15.57 3.26 0.08
C GLU B 72 -14.21 3.90 0.27
N HIS B 73 -13.65 4.44 -0.82
CA HIS B 73 -12.33 5.07 -0.81
C HIS B 73 -11.26 4.11 -0.29
N GLY B 74 -11.40 2.82 -0.62
CA GLY B 74 -10.45 1.82 -0.21
C GLY B 74 -10.62 1.28 1.19
N ILE B 75 -11.60 1.77 1.94
CA ILE B 75 -11.81 1.35 3.32
C ILE B 75 -13.16 0.65 3.42
N VAL B 76 -13.17 -0.48 4.14
CA VAL B 76 -14.41 -1.22 4.35
C VAL B 76 -15.34 -0.41 5.25
N THR B 77 -16.54 -0.14 4.78
CA THR B 77 -17.53 0.64 5.52
C THR B 77 -18.55 -0.24 6.23
N ASN B 78 -19.13 -1.21 5.54
CA ASN B 78 -20.08 -2.15 6.13
C ASN B 78 -19.52 -3.55 6.01
N TRP B 79 -19.48 -4.28 7.13
CA TRP B 79 -18.80 -5.56 7.18
C TRP B 79 -19.70 -6.75 6.83
N ASP B 80 -21.01 -6.60 6.95
CA ASP B 80 -21.91 -7.68 6.54
C ASP B 80 -21.83 -7.92 5.04
N ASP B 81 -21.98 -6.86 4.25
CA ASP B 81 -21.85 -7.01 2.80
C ASP B 81 -20.42 -7.38 2.41
N MET B 82 -19.42 -6.95 3.17
CA MET B 82 -18.06 -7.36 2.87
C MET B 82 -17.86 -8.86 3.10
N GLU B 83 -18.45 -9.40 4.17
CA GLU B 83 -18.46 -10.85 4.37
C GLU B 83 -19.19 -11.54 3.24
N LYS B 84 -20.27 -10.93 2.74
CA LYS B 84 -20.95 -11.50 1.57
C LYS B 84 -20.05 -11.52 0.34
N ILE B 85 -19.29 -10.45 0.12
CA ILE B 85 -18.34 -10.42 -0.99
C ILE B 85 -17.31 -11.53 -0.84
N TRP B 86 -16.79 -11.72 0.37
CA TRP B 86 -15.79 -12.76 0.59
C TRP B 86 -16.38 -14.16 0.39
N HIS B 87 -17.62 -14.35 0.84
CA HIS B 87 -18.31 -15.63 0.64
C HIS B 87 -18.50 -15.92 -0.86
N HIS B 88 -18.96 -14.92 -1.61
CA HIS B 88 -19.11 -15.07 -3.05
C HIS B 88 -17.77 -15.28 -3.74
N THR B 89 -16.70 -14.73 -3.18
CA THR B 89 -15.38 -14.90 -3.77
C THR B 89 -14.86 -16.30 -3.56
N PHE B 90 -15.02 -16.84 -2.35
CA PHE B 90 -14.45 -18.16 -2.06
C PHE B 90 -15.27 -19.28 -2.70
N TYR B 91 -16.59 -19.20 -2.64
CA TYR B 91 -17.46 -20.29 -3.02
C TYR B 91 -18.09 -20.12 -4.41
N ASN B 92 -18.57 -18.92 -4.73
CA ASN B 92 -19.28 -18.71 -6.00
C ASN B 92 -18.34 -18.36 -7.15
N GLU B 93 -17.19 -17.76 -6.87
CA GLU B 93 -16.25 -17.42 -7.92
C GLU B 93 -15.10 -18.41 -7.98
N LEU B 94 -14.23 -18.40 -6.96
CA LEU B 94 -13.11 -19.32 -6.94
C LEU B 94 -13.56 -20.77 -6.83
N ARG B 95 -14.71 -21.00 -6.20
CA ARG B 95 -15.27 -22.34 -6.01
C ARG B 95 -14.29 -23.23 -5.23
N VAL B 96 -13.93 -22.75 -4.04
CA VAL B 96 -12.89 -23.37 -3.22
C VAL B 96 -13.31 -23.27 -1.75
N ASN B 97 -12.68 -24.13 -0.91
CA ASN B 97 -12.91 -24.09 0.53
C ASN B 97 -11.80 -23.30 1.22
N PRO B 98 -12.14 -22.35 2.09
CA PRO B 98 -11.09 -21.50 2.68
C PRO B 98 -10.12 -22.23 3.58
N GLU B 99 -10.61 -23.23 4.34
CA GLU B 99 -9.76 -23.92 5.32
C GLU B 99 -8.60 -24.66 4.68
N GLN B 100 -8.57 -24.79 3.36
CA GLN B 100 -7.56 -25.57 2.66
C GLN B 100 -6.55 -24.70 1.92
N HIS B 101 -6.54 -23.39 2.17
CA HIS B 101 -5.76 -22.47 1.35
C HIS B 101 -5.39 -21.24 2.16
N ASN B 102 -4.12 -20.84 2.05
CA ASN B 102 -3.68 -19.58 2.62
C ASN B 102 -4.19 -18.42 1.75
N VAL B 103 -4.70 -17.39 2.39
CA VAL B 103 -5.27 -16.23 1.68
C VAL B 103 -4.42 -15.00 1.99
N LEU B 104 -3.91 -14.38 0.94
CA LEU B 104 -3.24 -13.09 1.01
C LEU B 104 -4.27 -12.01 0.67
N LEU B 105 -4.58 -11.16 1.64
CA LEU B 105 -5.51 -10.07 1.45
C LEU B 105 -4.75 -8.76 1.30
N THR B 106 -5.42 -7.78 0.68
CA THR B 106 -4.83 -6.46 0.46
C THR B 106 -5.63 -5.42 1.21
N GLU B 107 -4.96 -4.32 1.57
CA GLU B 107 -5.59 -3.22 2.29
C GLU B 107 -5.05 -1.91 1.74
N ALA B 108 -5.79 -0.85 2.00
CA ALA B 108 -5.33 0.48 1.65
C ALA B 108 -4.30 0.96 2.66
N PRO B 109 -3.42 1.89 2.27
CA PRO B 109 -2.51 2.48 3.25
C PRO B 109 -3.28 3.19 4.34
N MET B 110 -2.66 3.29 5.52
CA MET B 110 -3.27 3.94 6.68
C MET B 110 -4.61 3.31 7.06
N ASN B 111 -4.75 2.01 6.81
CA ASN B 111 -5.98 1.31 7.17
C ASN B 111 -6.16 1.35 8.68
N PRO B 112 -7.33 1.73 9.18
CA PRO B 112 -7.53 1.78 10.64
C PRO B 112 -7.26 0.44 11.29
N LYS B 113 -6.67 0.49 12.48
CA LYS B 113 -6.29 -0.73 13.21
C LYS B 113 -7.50 -1.64 13.41
N GLN B 114 -8.63 -1.04 13.81
CA GLN B 114 -9.85 -1.81 14.05
C GLN B 114 -10.24 -2.60 12.80
N ASN B 115 -10.18 -1.97 11.63
CA ASN B 115 -10.60 -2.64 10.40
C ASN B 115 -9.75 -3.87 10.11
N ARG B 116 -8.43 -3.73 10.28
CA ARG B 116 -7.55 -4.89 10.12
C ARG B 116 -7.91 -6.00 11.10
N GLU B 117 -8.18 -5.63 12.36
CA GLU B 117 -8.60 -6.65 13.33
C GLU B 117 -9.87 -7.35 12.88
N LYS B 118 -10.84 -6.60 12.35
CA LYS B 118 -12.10 -7.22 11.95
C LYS B 118 -11.91 -8.15 10.76
N MET B 119 -11.14 -7.75 9.76
CA MET B 119 -10.95 -8.66 8.62
C MET B 119 -10.17 -9.90 9.05
N THR B 120 -9.19 -9.73 9.95
CA THR B 120 -8.47 -10.89 10.47
C THR B 120 -9.40 -11.85 11.20
N GLN B 121 -10.26 -11.31 12.06
CA GLN B 121 -11.17 -12.16 12.82
C GLN B 121 -12.17 -12.86 11.90
N ILE B 122 -12.66 -12.16 10.88
CA ILE B 122 -13.60 -12.77 9.94
C ILE B 122 -12.92 -13.88 9.16
N MET B 123 -11.67 -13.67 8.72
CA MET B 123 -10.97 -14.70 7.97
C MET B 123 -10.68 -15.92 8.84
N PHE B 124 -10.29 -15.70 10.10
CA PHE B 124 -9.83 -16.79 10.95
C PHE B 124 -10.96 -17.52 11.68
N GLU B 125 -12.12 -16.89 11.84
CA GLU B 125 -13.23 -17.50 12.57
C GLU B 125 -14.39 -17.90 11.66
N THR B 126 -14.86 -16.98 10.81
CA THR B 126 -15.96 -17.30 9.91
C THR B 126 -15.51 -18.23 8.79
N PHE B 127 -14.27 -18.07 8.32
CA PHE B 127 -13.75 -18.88 7.24
C PHE B 127 -12.68 -19.87 7.69
N ASN B 128 -12.32 -19.86 8.98
CA ASN B 128 -11.33 -20.76 9.59
C ASN B 128 -10.15 -21.05 8.64
N VAL B 129 -9.64 -19.97 8.04
CA VAL B 129 -8.53 -20.06 7.10
C VAL B 129 -7.30 -20.60 7.82
N PRO B 130 -6.44 -21.40 7.17
CA PRO B 130 -5.19 -21.84 7.84
C PRO B 130 -4.28 -20.69 8.22
N SER B 131 -3.90 -19.86 7.26
CA SER B 131 -3.04 -18.71 7.53
C SER B 131 -3.51 -17.53 6.69
N LEU B 132 -3.08 -16.34 7.10
CA LEU B 132 -3.55 -15.10 6.49
C LEU B 132 -2.47 -14.05 6.56
N TYR B 133 -2.42 -13.19 5.54
CA TYR B 133 -1.53 -12.05 5.51
C TYR B 133 -2.23 -10.88 4.83
N ILE B 134 -2.06 -9.69 5.38
CA ILE B 134 -2.65 -8.46 4.84
C ILE B 134 -1.50 -7.55 4.43
N GLY B 135 -1.44 -7.22 3.15
CA GLY B 135 -0.39 -6.37 2.62
C GLY B 135 -0.98 -5.10 2.02
N ILE B 136 -0.18 -4.03 2.05
CA ILE B 136 -0.62 -2.77 1.46
C ILE B 136 -0.58 -2.88 -0.06
N GLN B 137 -1.62 -2.35 -0.71
CA GLN B 137 -1.78 -2.52 -2.14
C GLN B 137 -0.62 -1.92 -2.93
N ALA B 138 -0.23 -0.69 -2.58
CA ALA B 138 0.89 -0.04 -3.29
C ALA B 138 2.18 -0.83 -3.14
N VAL B 139 2.39 -1.43 -1.97
CA VAL B 139 3.59 -2.24 -1.76
C VAL B 139 3.56 -3.45 -2.69
N LEU B 140 2.39 -4.07 -2.86
CA LEU B 140 2.24 -5.19 -3.77
C LEU B 140 2.53 -4.78 -5.21
N SER B 141 2.03 -3.61 -5.61
CA SER B 141 2.36 -3.08 -6.94
C SER B 141 3.87 -2.95 -7.12
N LEU B 142 4.54 -2.37 -6.12
CA LEU B 142 5.99 -2.23 -6.19
C LEU B 142 6.66 -3.59 -6.35
N TYR B 143 6.16 -4.61 -5.64
CA TYR B 143 6.70 -5.96 -5.83
C TYR B 143 6.47 -6.42 -7.26
N SER B 144 5.31 -6.11 -7.83
CA SER B 144 5.04 -6.49 -9.21
C SER B 144 6.02 -5.82 -10.18
N SER B 145 6.54 -4.66 -9.82
CA SER B 145 7.51 -3.98 -10.68
C SER B 145 8.93 -4.50 -10.52
N GLY B 146 9.17 -5.47 -9.63
CA GLY B 146 10.47 -6.07 -9.50
C GLY B 146 11.44 -5.39 -8.55
N ARG B 147 10.99 -4.37 -7.82
CA ARG B 147 11.84 -3.68 -6.86
C ARG B 147 11.12 -3.62 -5.51
N THR B 148 11.88 -3.27 -4.48
CA THR B 148 11.34 -3.12 -3.14
C THR B 148 11.42 -1.68 -2.62
N THR B 149 11.99 -0.76 -3.40
CA THR B 149 12.10 0.63 -3.02
C THR B 149 11.62 1.51 -4.16
N GLY B 150 10.79 2.48 -3.86
CA GLY B 150 10.24 3.37 -4.87
C GLY B 150 8.99 4.02 -4.34
N ILE B 151 8.38 4.85 -5.19
CA ILE B 151 7.13 5.51 -4.85
C ILE B 151 6.06 5.02 -5.82
N VAL B 152 4.92 4.61 -5.28
CA VAL B 152 3.82 4.07 -6.07
C VAL B 152 2.70 5.10 -6.10
N LEU B 153 2.20 5.39 -7.31
CA LEU B 153 0.99 6.16 -7.50
C LEU B 153 -0.11 5.18 -7.89
N ASP B 154 -1.03 4.92 -6.97
CA ASP B 154 -2.11 3.97 -7.18
C ASP B 154 -3.41 4.76 -7.33
N ALA B 155 -3.99 4.72 -8.53
CA ALA B 155 -5.24 5.44 -8.83
C ALA B 155 -6.25 4.44 -9.38
N GLY B 156 -7.34 4.23 -8.64
CA GLY B 156 -8.34 3.27 -9.05
C GLY B 156 -9.69 3.87 -9.34
N ASP B 157 -10.71 3.46 -8.59
CA ASP B 157 -12.08 3.91 -8.82
C ASP B 157 -12.59 4.87 -7.76
N GLY B 158 -12.15 4.74 -6.51
CA GLY B 158 -12.65 5.59 -5.45
C GLY B 158 -11.60 6.33 -4.66
N VAL B 159 -10.32 6.02 -4.88
CA VAL B 159 -9.25 6.63 -4.09
C VAL B 159 -7.95 6.60 -4.88
N THR B 160 -7.08 7.56 -4.59
CA THR B 160 -5.76 7.66 -5.18
C THR B 160 -4.74 7.87 -4.06
N HIS B 161 -3.62 7.16 -4.13
CA HIS B 161 -2.59 7.21 -3.11
C HIS B 161 -1.22 7.42 -3.75
N THR B 162 -0.39 8.22 -3.09
CA THR B 162 1.05 8.25 -3.35
C THR B 162 1.74 7.66 -2.12
N VAL B 163 2.47 6.57 -2.32
CA VAL B 163 3.05 5.80 -1.23
C VAL B 163 4.56 5.62 -1.45
N PRO B 164 5.40 6.31 -0.70
CA PRO B 164 6.83 6.00 -0.72
C PRO B 164 7.12 4.75 0.08
N ILE B 165 8.05 3.93 -0.41
CA ILE B 165 8.33 2.61 0.15
C ILE B 165 9.83 2.38 0.10
N TYR B 166 10.40 1.93 1.22
CA TYR B 166 11.81 1.57 1.31
C TYR B 166 11.92 0.11 1.73
N GLU B 167 12.58 -0.70 0.91
CA GLU B 167 12.83 -2.11 1.20
C GLU B 167 11.54 -2.85 1.57
N GLY B 168 10.49 -2.60 0.80
CA GLY B 168 9.23 -3.27 1.00
C GLY B 168 8.38 -2.74 2.14
N TYR B 169 8.76 -1.63 2.75
CA TYR B 169 8.01 -1.04 3.84
C TYR B 169 7.66 0.40 3.50
N SER B 170 6.37 0.73 3.60
CA SER B 170 5.91 2.06 3.27
C SER B 170 6.36 3.07 4.33
N LEU B 171 6.39 4.34 3.93
CA LEU B 171 6.69 5.45 4.84
C LEU B 171 5.38 6.19 5.08
N PRO B 172 4.64 5.85 6.14
CA PRO B 172 3.28 6.40 6.29
C PRO B 172 3.23 7.91 6.43
N HIS B 173 4.27 8.54 7.00
CA HIS B 173 4.26 9.98 7.16
C HIS B 173 4.29 10.71 5.82
N ALA B 174 4.75 10.06 4.76
CA ALA B 174 4.87 10.67 3.44
C ALA B 174 3.77 10.21 2.48
N VAL B 175 2.82 9.41 2.94
CA VAL B 175 1.74 8.93 2.09
C VAL B 175 0.71 10.04 1.91
N ARG B 176 0.22 10.22 0.69
CA ARG B 176 -0.87 11.16 0.44
C ARG B 176 -2.07 10.42 -0.14
N ARG B 177 -3.25 10.73 0.38
CA ARG B 177 -4.51 10.15 -0.07
C ARG B 177 -5.40 11.26 -0.63
N VAL B 178 -5.96 11.01 -1.81
CA VAL B 178 -6.93 11.91 -2.45
C VAL B 178 -8.15 11.07 -2.81
N ASP B 179 -9.30 11.45 -2.27
CA ASP B 179 -10.54 10.69 -2.48
C ASP B 179 -11.19 11.06 -3.81
N MET B 180 -10.43 10.82 -4.88
CA MET B 180 -10.90 11.10 -6.24
C MET B 180 -10.23 10.14 -7.19
N ALA B 181 -11.02 9.46 -8.02
CA ALA B 181 -10.48 8.52 -8.98
C ALA B 181 -11.44 8.29 -10.15
N GLY B 182 -11.66 7.03 -10.52
CA GLY B 182 -12.34 6.73 -11.76
C GLY B 182 -13.83 7.08 -11.75
N ARG B 183 -14.49 6.87 -10.61
CA ARG B 183 -15.92 7.19 -10.54
C ARG B 183 -16.15 8.67 -10.72
N ASP B 184 -15.34 9.50 -10.07
CA ASP B 184 -15.43 10.95 -10.24
C ASP B 184 -15.15 11.34 -11.68
N LEU B 185 -14.21 10.63 -12.34
CA LEU B 185 -13.91 10.92 -13.73
C LEU B 185 -15.10 10.60 -14.63
N THR B 186 -15.78 9.48 -14.37
CA THR B 186 -16.95 9.14 -15.18
C THR B 186 -18.08 10.15 -14.97
N GLU B 187 -18.27 10.59 -13.72
CA GLU B 187 -19.28 11.62 -13.46
C GLU B 187 -18.94 12.92 -14.17
N TYR B 188 -17.66 13.32 -14.13
CA TYR B 188 -17.24 14.54 -14.83
C TYR B 188 -17.42 14.40 -16.34
N LEU B 189 -17.19 13.19 -16.87
CA LEU B 189 -17.41 12.97 -18.29
C LEU B 189 -18.88 13.09 -18.65
N MET B 190 -19.77 12.56 -17.81
CA MET B 190 -21.20 12.80 -18.01
C MET B 190 -21.51 14.29 -18.04
N LYS B 191 -20.96 15.03 -17.08
CA LYS B 191 -21.23 16.46 -16.99
C LYS B 191 -20.78 17.19 -18.24
N ILE B 192 -19.53 16.96 -18.67
CA ILE B 192 -19.00 17.69 -19.83
C ILE B 192 -19.47 17.13 -21.16
N MET B 193 -20.11 15.97 -21.18
CA MET B 193 -20.80 15.53 -22.39
C MET B 193 -22.22 16.04 -22.46
N MET B 194 -22.80 16.44 -21.32
CA MET B 194 -24.13 17.05 -21.34
C MET B 194 -24.17 18.35 -22.14
N GLU B 195 -23.02 18.99 -22.38
CA GLU B 195 -23.02 20.28 -23.07
C GLU B 195 -23.28 20.15 -24.56
N THR B 196 -23.42 18.94 -25.09
CA THR B 196 -23.78 18.75 -26.49
C THR B 196 -25.29 18.69 -26.71
N GLY B 197 -26.08 18.80 -25.64
CA GLY B 197 -27.52 18.71 -25.73
C GLY B 197 -28.10 17.37 -25.32
N THR B 198 -27.26 16.34 -25.18
CA THR B 198 -27.70 15.01 -24.79
C THR B 198 -27.35 14.77 -23.32
N THR B 199 -28.32 14.27 -22.56
CA THR B 199 -28.12 13.95 -21.15
C THR B 199 -27.88 12.45 -20.98
N PHE B 200 -27.17 12.11 -19.91
CA PHE B 200 -26.83 10.72 -19.58
C PHE B 200 -27.24 10.48 -18.13
N THR B 201 -28.51 10.12 -17.91
CA THR B 201 -29.04 9.90 -16.58
C THR B 201 -29.44 8.46 -16.30
N THR B 202 -29.79 7.68 -17.32
CA THR B 202 -30.24 6.31 -17.09
C THR B 202 -29.06 5.38 -16.87
N THR B 203 -29.39 4.13 -16.51
CA THR B 203 -28.35 3.13 -16.27
C THR B 203 -27.55 2.87 -17.54
N ALA B 204 -28.23 2.65 -18.67
CA ALA B 204 -27.54 2.34 -19.91
C ALA B 204 -26.72 3.53 -20.40
N GLU B 205 -27.24 4.75 -20.23
CA GLU B 205 -26.48 5.93 -20.64
C GLU B 205 -25.20 6.08 -19.84
N LYS B 206 -25.27 5.86 -18.52
CA LYS B 206 -24.06 5.88 -17.71
C LYS B 206 -23.09 4.77 -18.10
N GLU B 207 -23.62 3.60 -18.50
CA GLU B 207 -22.76 2.56 -19.03
C GLU B 207 -22.03 3.04 -20.28
N ILE B 208 -22.75 3.73 -21.17
CA ILE B 208 -22.12 4.28 -22.38
C ILE B 208 -21.02 5.27 -22.00
N VAL B 209 -21.28 6.12 -21.00
CA VAL B 209 -20.26 7.10 -20.61
C VAL B 209 -19.03 6.41 -20.05
N ARG B 210 -19.23 5.37 -19.24
CA ARG B 210 -18.08 4.62 -18.72
C ARG B 210 -17.29 3.97 -19.85
N ASN B 211 -17.99 3.41 -20.84
CA ASN B 211 -17.30 2.80 -21.97
C ASN B 211 -16.52 3.84 -22.77
N VAL B 212 -17.08 5.03 -22.94
CA VAL B 212 -16.37 6.09 -23.65
C VAL B 212 -15.12 6.50 -22.89
N LYS B 213 -15.22 6.59 -21.56
CA LYS B 213 -14.06 6.93 -20.76
C LYS B 213 -12.97 5.87 -20.88
N GLU B 214 -13.37 4.60 -20.85
CA GLU B 214 -12.38 3.52 -20.87
C GLU B 214 -11.83 3.23 -22.27
N GLN B 215 -12.50 3.71 -23.32
CA GLN B 215 -12.10 3.36 -24.68
C GLN B 215 -11.64 4.55 -25.51
N LEU B 216 -12.24 5.72 -25.33
CA LEU B 216 -11.93 6.87 -26.17
C LEU B 216 -11.12 7.96 -25.47
N CYS B 217 -11.16 8.03 -24.14
CA CYS B 217 -10.46 9.10 -23.43
C CYS B 217 -8.97 8.85 -23.44
N TYR B 218 -8.20 9.95 -23.44
CA TYR B 218 -6.75 9.90 -23.43
C TYR B 218 -6.22 11.17 -22.78
N VAL B 219 -5.00 11.08 -22.28
CA VAL B 219 -4.33 12.23 -21.68
C VAL B 219 -3.61 13.01 -22.77
N ALA B 220 -3.85 14.32 -22.81
CA ALA B 220 -3.20 15.16 -23.79
C ALA B 220 -1.75 15.43 -23.38
N LEU B 221 -0.82 15.15 -24.30
CA LEU B 221 0.59 15.45 -24.03
C LEU B 221 0.79 16.95 -23.83
N ASP B 222 0.11 17.76 -24.63
CA ASP B 222 0.08 19.22 -24.46
C ASP B 222 -1.39 19.61 -24.46
N PHE B 223 -1.91 20.02 -23.30
CA PHE B 223 -3.34 20.27 -23.18
C PHE B 223 -3.79 21.45 -24.03
N GLU B 224 -3.02 22.54 -24.03
CA GLU B 224 -3.41 23.70 -24.82
C GLU B 224 -3.24 23.43 -26.31
N GLU B 225 -2.17 22.74 -26.70
CA GLU B 225 -2.00 22.35 -28.09
C GLU B 225 -3.12 21.41 -28.53
N GLU B 226 -3.56 20.52 -27.63
CA GLU B 226 -4.66 19.63 -27.96
C GLU B 226 -5.96 20.40 -28.12
N MET B 227 -6.21 21.37 -27.24
CA MET B 227 -7.38 22.24 -27.39
C MET B 227 -7.35 22.94 -28.75
N THR B 228 -6.20 23.50 -29.11
CA THR B 228 -6.09 24.22 -30.38
C THR B 228 -6.32 23.29 -31.57
N ASN B 229 -5.68 22.12 -31.56
CA ASN B 229 -5.81 21.21 -32.69
C ASN B 229 -7.20 20.61 -32.79
N SER B 230 -7.91 20.49 -31.66
CA SER B 230 -9.28 19.99 -31.69
C SER B 230 -10.27 21.07 -32.09
N ALA B 231 -9.95 22.34 -31.83
CA ALA B 231 -10.85 23.42 -32.22
C ALA B 231 -10.66 23.81 -33.68
N LYS B 232 -9.43 23.79 -34.18
CA LYS B 232 -9.16 24.24 -35.54
C LYS B 232 -9.43 23.17 -36.59
N SER B 233 -9.43 21.89 -36.20
CA SER B 233 -9.63 20.80 -37.14
C SER B 233 -10.95 20.06 -36.93
N ALA B 234 -11.72 20.43 -35.91
CA ALA B 234 -12.98 19.76 -35.59
C ALA B 234 -12.78 18.26 -35.40
N ASN B 235 -11.70 17.89 -34.72
CA ASN B 235 -11.39 16.47 -34.50
C ASN B 235 -12.39 15.86 -33.53
N GLU B 236 -13.16 14.89 -34.00
CA GLU B 236 -14.15 14.20 -33.16
C GLU B 236 -14.09 12.72 -33.47
N GLU B 237 -14.13 11.91 -32.41
CA GLU B 237 -14.11 10.46 -32.57
C GLU B 237 -15.52 9.90 -32.55
N ALA B 238 -15.69 8.76 -33.20
CA ALA B 238 -16.99 8.12 -33.36
C ALA B 238 -17.08 6.91 -32.45
N PHE B 239 -18.01 6.94 -31.50
CA PHE B 239 -18.30 5.82 -30.62
C PHE B 239 -19.56 5.13 -31.15
N GLU B 240 -19.47 3.84 -31.45
CA GLU B 240 -20.61 3.09 -31.94
C GLU B 240 -21.43 2.57 -30.77
N LEU B 241 -22.73 2.86 -30.80
CA LEU B 241 -23.67 2.43 -29.77
C LEU B 241 -24.18 1.03 -30.08
N PRO B 242 -24.76 0.35 -29.08
CA PRO B 242 -25.29 -1.00 -29.34
C PRO B 242 -26.35 -1.04 -30.43
N ASP B 243 -27.13 0.02 -30.60
CA ASP B 243 -28.19 0.04 -31.60
C ASP B 243 -27.68 0.45 -32.99
N GLY B 244 -26.38 0.68 -33.15
CA GLY B 244 -25.81 1.03 -34.43
C GLY B 244 -25.65 2.51 -34.67
N ASN B 245 -26.28 3.36 -33.85
CA ASN B 245 -26.10 4.79 -34.00
C ASN B 245 -24.70 5.20 -33.53
N VAL B 246 -24.22 6.31 -34.08
CA VAL B 246 -22.86 6.80 -33.83
C VAL B 246 -22.95 8.07 -32.99
N MET B 247 -22.16 8.13 -31.93
CA MET B 247 -22.04 9.30 -31.08
C MET B 247 -20.68 9.96 -31.29
N MET B 248 -20.69 11.24 -31.61
CA MET B 248 -19.46 11.98 -31.83
C MET B 248 -19.00 12.59 -30.51
N VAL B 249 -17.77 12.27 -30.10
CA VAL B 249 -17.16 12.80 -28.89
C VAL B 249 -16.01 13.71 -29.29
N GLY B 250 -16.00 14.91 -28.72
CA GLY B 250 -15.00 15.91 -29.09
C GLY B 250 -13.85 16.01 -28.09
N ASN B 251 -13.57 17.23 -27.63
CA ASN B 251 -12.43 17.46 -26.75
C ASN B 251 -12.59 16.80 -25.39
N GLN B 252 -13.84 16.42 -25.02
CA GLN B 252 -14.07 15.75 -23.76
C GLN B 252 -13.14 14.56 -23.57
N ARG B 253 -12.79 13.88 -24.66
CA ARG B 253 -11.90 12.72 -24.60
C ARG B 253 -10.64 13.02 -23.80
N PHE B 254 -10.08 14.21 -23.95
CA PHE B 254 -8.90 14.58 -23.19
C PHE B 254 -9.18 15.59 -22.09
N ARG B 255 -10.43 16.06 -21.96
CA ARG B 255 -10.77 16.93 -20.84
C ARG B 255 -11.14 16.15 -19.59
N CYS B 256 -11.58 14.89 -19.74
CA CYS B 256 -11.94 14.09 -18.58
C CYS B 256 -10.71 13.65 -17.79
N PRO B 257 -9.70 12.99 -18.37
CA PRO B 257 -8.53 12.59 -17.55
C PRO B 257 -7.63 13.75 -17.16
N GLU B 258 -7.75 14.92 -17.79
CA GLU B 258 -7.01 16.09 -17.35
C GLU B 258 -7.30 16.45 -15.91
N VAL B 259 -8.47 16.04 -15.39
CA VAL B 259 -8.81 16.24 -13.99
C VAL B 259 -7.74 15.62 -13.09
N LEU B 260 -7.16 14.50 -13.51
CA LEU B 260 -6.13 13.86 -12.71
C LEU B 260 -4.90 14.75 -12.55
N PHE B 261 -4.64 15.61 -13.54
CA PHE B 261 -3.52 16.55 -13.46
C PHE B 261 -3.94 17.93 -12.96
N LYS B 262 -5.21 18.30 -13.11
CA LYS B 262 -5.74 19.57 -12.62
C LYS B 262 -7.05 19.29 -11.91
N PRO B 263 -6.99 18.82 -10.65
CA PRO B 263 -8.24 18.50 -9.93
C PRO B 263 -9.14 19.70 -9.72
N SER B 264 -8.62 20.93 -9.81
CA SER B 264 -9.45 22.12 -9.69
C SER B 264 -10.55 22.17 -10.75
N LEU B 265 -10.48 21.33 -11.78
CA LEU B 265 -11.55 21.24 -12.76
C LEU B 265 -12.85 20.73 -12.15
N ILE B 266 -12.79 20.05 -10.99
CA ILE B 266 -14.00 19.65 -10.30
C ILE B 266 -14.02 20.28 -8.91
N GLY B 267 -13.41 21.46 -8.79
CA GLY B 267 -13.37 22.15 -7.52
C GLY B 267 -12.53 21.50 -6.45
N LEU B 268 -11.69 20.54 -6.81
CA LEU B 268 -10.84 19.83 -5.85
C LEU B 268 -9.48 20.53 -5.72
N ASP B 269 -9.54 21.78 -5.26
CA ASP B 269 -8.33 22.60 -5.18
C ASP B 269 -7.33 22.03 -4.19
N GLU B 270 -7.80 21.36 -3.14
CA GLU B 270 -6.88 20.79 -2.17
C GLU B 270 -6.22 19.51 -2.66
N ALA B 271 -6.60 19.00 -3.84
CA ALA B 271 -5.91 17.87 -4.45
C ALA B 271 -4.86 18.39 -5.43
N PRO B 272 -3.59 18.01 -5.31
CA PRO B 272 -2.55 18.66 -6.10
C PRO B 272 -2.42 18.15 -7.52
N GLY B 273 -2.97 16.99 -7.85
CA GLY B 273 -2.72 16.37 -9.12
C GLY B 273 -1.51 15.45 -9.08
N PHE B 274 -1.48 14.52 -10.02
CA PHE B 274 -0.48 13.44 -10.01
C PHE B 274 0.96 13.93 -9.89
N PRO B 275 1.46 14.84 -10.74
CA PRO B 275 2.88 15.23 -10.61
C PRO B 275 3.19 15.87 -9.26
N GLU B 276 2.39 16.84 -8.82
CA GLU B 276 2.64 17.46 -7.53
C GLU B 276 2.39 16.48 -6.38
N MET B 277 1.48 15.52 -6.55
CA MET B 277 1.30 14.48 -5.54
C MET B 277 2.59 13.71 -5.33
N VAL B 278 3.18 13.21 -6.43
CA VAL B 278 4.45 12.49 -6.34
C VAL B 278 5.52 13.39 -5.75
N TYR B 279 5.57 14.65 -6.19
CA TYR B 279 6.58 15.60 -5.74
C TYR B 279 6.52 15.80 -4.22
N GLN B 280 5.32 16.05 -3.70
CA GLN B 280 5.17 16.34 -2.28
C GLN B 280 5.42 15.10 -1.44
N SER B 281 4.94 13.94 -1.89
CA SER B 281 5.24 12.70 -1.17
C SER B 281 6.75 12.47 -1.10
N ILE B 282 7.47 12.66 -2.21
CA ILE B 282 8.91 12.48 -2.20
C ILE B 282 9.57 13.48 -1.27
N ASN B 283 9.13 14.74 -1.32
CA ASN B 283 9.74 15.78 -0.50
C ASN B 283 9.45 15.62 0.98
N LYS B 284 8.47 14.79 1.35
CA LYS B 284 8.30 14.48 2.76
C LYS B 284 9.23 13.38 3.27
N CYS B 285 10.12 12.86 2.43
CA CYS B 285 10.97 11.73 2.79
C CYS B 285 12.40 12.17 3.07
N ASP B 286 13.13 11.29 3.76
CA ASP B 286 14.57 11.41 3.92
C ASP B 286 15.24 11.60 2.56
N ILE B 287 16.02 12.67 2.42
CA ILE B 287 16.61 12.99 1.12
C ILE B 287 17.60 11.92 0.67
N ASP B 288 18.14 11.13 1.59
CA ASP B 288 19.06 10.05 1.22
C ASP B 288 18.39 9.03 0.30
N VAL B 289 17.07 8.88 0.39
CA VAL B 289 16.34 8.00 -0.50
C VAL B 289 15.71 8.75 -1.67
N ARG B 290 15.75 10.09 -1.66
CA ARG B 290 15.02 10.89 -2.65
C ARG B 290 15.30 10.43 -4.07
N ARG B 291 16.58 10.37 -4.44
CA ARG B 291 16.95 9.96 -5.80
C ARG B 291 16.32 8.62 -6.16
N GLU B 292 16.43 7.63 -5.27
CA GLU B 292 15.89 6.31 -5.58
C GLU B 292 14.38 6.36 -5.76
N LEU B 293 13.70 7.26 -5.06
CA LEU B 293 12.26 7.41 -5.27
C LEU B 293 11.96 7.97 -6.65
N TYR B 294 12.79 8.91 -7.12
CA TYR B 294 12.57 9.52 -8.43
C TYR B 294 12.81 8.50 -9.55
N GLY B 295 13.78 7.61 -9.37
CA GLY B 295 14.11 6.63 -10.38
C GLY B 295 13.19 5.44 -10.46
N ASN B 296 12.18 5.35 -9.59
N ASN B 296 12.19 5.34 -9.58
CA ASN B 296 11.27 4.19 -9.55
CA ASN B 296 11.27 4.20 -9.56
C ASN B 296 9.86 4.68 -9.18
C ASN B 296 9.87 4.70 -9.17
N ILE B 297 9.25 5.44 -10.08
CA ILE B 297 7.89 5.93 -9.91
C ILE B 297 6.96 4.95 -10.62
N VAL B 298 6.28 4.11 -9.84
CA VAL B 298 5.49 3.01 -10.38
C VAL B 298 4.02 3.39 -10.36
N LEU B 299 3.37 3.27 -11.51
CA LEU B 299 1.94 3.55 -11.66
C LEU B 299 1.15 2.26 -11.57
N SER B 300 0.00 2.31 -10.91
CA SER B 300 -0.86 1.14 -10.80
C SER B 300 -2.29 1.59 -10.62
N GLY B 301 -3.22 0.75 -11.07
CA GLY B 301 -4.63 1.04 -10.96
C GLY B 301 -5.24 1.39 -12.30
N GLY B 302 -6.57 1.23 -12.37
CA GLY B 302 -7.28 1.41 -13.62
C GLY B 302 -7.25 2.83 -14.14
N SER B 303 -7.28 3.82 -13.25
CA SER B 303 -7.27 5.21 -13.67
C SER B 303 -5.88 5.70 -14.12
N THR B 304 -4.88 4.83 -14.14
CA THR B 304 -3.58 5.17 -14.70
C THR B 304 -3.41 4.64 -16.12
N MET B 305 -4.48 4.09 -16.71
CA MET B 305 -4.38 3.42 -18.00
C MET B 305 -4.73 4.32 -19.18
N PHE B 306 -5.01 5.60 -18.95
CA PHE B 306 -5.26 6.51 -20.06
C PHE B 306 -4.01 6.64 -20.91
N LEU B 307 -4.20 6.70 -22.22
CA LEU B 307 -3.07 6.86 -23.13
C LEU B 307 -2.36 8.18 -22.86
N ASN B 308 -1.03 8.14 -22.92
CA ASN B 308 -0.11 9.26 -22.70
C ASN B 308 -0.03 9.71 -21.24
N LEU B 309 -0.76 9.08 -20.32
CA LEU B 309 -0.64 9.44 -18.92
C LEU B 309 0.76 9.21 -18.36
N PRO B 310 1.41 8.05 -18.57
CA PRO B 310 2.76 7.89 -18.02
C PRO B 310 3.76 8.87 -18.60
N GLU B 311 3.70 9.14 -19.90
CA GLU B 311 4.66 10.06 -20.52
C GLU B 311 4.43 11.49 -20.05
N ARG B 312 3.18 11.91 -19.92
CA ARG B 312 2.88 13.24 -19.40
C ARG B 312 3.35 13.38 -17.96
N LEU B 313 3.05 12.37 -17.13
CA LEU B 313 3.51 12.40 -15.74
C LEU B 313 5.03 12.46 -15.67
N ALA B 314 5.72 11.70 -16.53
CA ALA B 314 7.17 11.74 -16.56
C ALA B 314 7.69 13.14 -16.91
N LYS B 315 7.08 13.77 -17.92
CA LYS B 315 7.53 15.11 -18.30
C LYS B 315 7.33 16.10 -17.16
N GLU B 316 6.16 16.07 -16.51
CA GLU B 316 5.91 17.03 -15.44
C GLU B 316 6.82 16.79 -14.24
N ILE B 317 7.00 15.52 -13.83
CA ILE B 317 7.85 15.25 -12.67
C ILE B 317 9.31 15.57 -12.99
N SER B 318 9.73 15.43 -14.26
CA SER B 318 11.06 15.85 -14.64
C SER B 318 11.19 17.36 -14.60
N ASN B 319 10.13 18.08 -14.95
CA ASN B 319 10.15 19.53 -14.84
C ASN B 319 10.22 19.99 -13.39
N LEU B 320 9.68 19.21 -12.47
CA LEU B 320 9.70 19.59 -11.06
C LEU B 320 10.97 19.16 -10.33
N ALA B 321 11.60 18.07 -10.76
CA ALA B 321 12.72 17.49 -10.02
C ALA B 321 13.94 18.40 -10.07
N PRO B 322 14.86 18.24 -9.10
CA PRO B 322 16.14 18.95 -9.19
C PRO B 322 16.90 18.63 -10.46
N SER B 323 17.87 19.48 -10.78
CA SER B 323 18.56 19.39 -12.06
C SER B 323 19.34 18.09 -12.18
N SER B 324 19.96 17.63 -11.10
CA SER B 324 20.81 16.44 -11.13
C SER B 324 20.02 15.15 -11.01
N ILE B 325 18.70 15.18 -11.18
CA ILE B 325 17.86 14.00 -11.02
C ILE B 325 17.03 13.81 -12.27
N LYS B 326 17.09 12.61 -12.84
CA LYS B 326 16.26 12.24 -13.99
C LYS B 326 15.23 11.22 -13.56
N PRO B 327 13.98 11.62 -13.31
CA PRO B 327 12.98 10.67 -12.85
C PRO B 327 12.67 9.62 -13.92
N LYS B 328 12.14 8.49 -13.47
CA LYS B 328 11.75 7.40 -14.34
C LYS B 328 10.40 6.87 -13.90
N VAL B 329 9.43 6.88 -14.80
CA VAL B 329 8.09 6.39 -14.52
C VAL B 329 7.98 4.97 -15.05
N VAL B 330 7.59 4.04 -14.18
CA VAL B 330 7.38 2.64 -14.54
C VAL B 330 5.88 2.42 -14.72
N ALA B 331 5.47 1.99 -15.91
CA ALA B 331 4.06 1.82 -16.21
C ALA B 331 3.91 0.70 -17.24
N PRO B 332 3.81 -0.54 -16.79
CA PRO B 332 3.62 -1.66 -17.73
C PRO B 332 2.19 -1.70 -18.22
N PRO B 333 1.92 -2.36 -19.35
CA PRO B 333 0.53 -2.45 -19.83
C PRO B 333 -0.41 -3.17 -18.87
N GLU B 334 0.11 -3.84 -17.85
CA GLU B 334 -0.72 -4.54 -16.87
C GLU B 334 -0.85 -3.77 -15.57
N ARG B 335 -0.97 -2.43 -15.64
CA ARG B 335 -1.05 -1.62 -14.43
C ARG B 335 -2.29 -1.95 -13.62
N LYS B 336 -3.43 -2.16 -14.30
CA LYS B 336 -4.71 -2.26 -13.62
C LYS B 336 -4.73 -3.38 -12.58
N TYR B 337 -3.97 -4.45 -12.81
CA TYR B 337 -3.93 -5.58 -11.90
C TYR B 337 -2.60 -5.71 -11.17
N SER B 338 -1.78 -4.65 -11.19
CA SER B 338 -0.47 -4.71 -10.56
C SER B 338 -0.56 -5.19 -9.12
N VAL B 339 -1.45 -4.57 -8.32
CA VAL B 339 -1.63 -4.98 -6.93
C VAL B 339 -1.83 -6.48 -6.81
N TRP B 340 -2.65 -7.05 -7.70
CA TRP B 340 -2.86 -8.50 -7.64
C TRP B 340 -1.58 -9.24 -8.01
N ILE B 341 -0.94 -8.84 -9.11
CA ILE B 341 0.21 -9.58 -9.62
C ILE B 341 1.31 -9.64 -8.57
N GLY B 342 1.73 -8.47 -8.07
CA GLY B 342 2.68 -8.44 -6.97
C GLY B 342 2.28 -9.36 -5.83
N GLY B 343 1.00 -9.34 -5.46
CA GLY B 343 0.52 -10.27 -4.46
C GLY B 343 0.84 -11.71 -4.82
N SER B 344 0.41 -12.15 -6.00
CA SER B 344 0.72 -13.50 -6.46
C SER B 344 2.23 -13.73 -6.55
N ILE B 345 3.02 -12.67 -6.71
CA ILE B 345 4.47 -12.82 -6.67
C ILE B 345 4.94 -12.95 -5.23
N LEU B 346 4.42 -12.11 -4.34
CA LEU B 346 4.88 -12.10 -2.95
C LEU B 346 4.59 -13.43 -2.26
N SER B 347 3.38 -13.97 -2.45
CA SER B 347 3.03 -15.28 -1.91
C SER B 347 3.85 -16.40 -2.51
N SER B 348 4.61 -16.14 -3.58
CA SER B 348 5.42 -17.17 -4.22
C SER B 348 6.87 -17.18 -3.75
N LEU B 349 7.33 -16.13 -3.08
CA LEU B 349 8.71 -16.03 -2.66
C LEU B 349 8.97 -16.92 -1.45
N THR B 350 10.20 -17.42 -1.34
CA THR B 350 10.55 -18.32 -0.25
C THR B 350 10.59 -17.58 1.08
N THR B 351 11.04 -16.31 1.06
CA THR B 351 11.10 -15.53 2.29
C THR B 351 9.72 -15.34 2.90
N PHE B 352 8.69 -15.20 2.05
CA PHE B 352 7.35 -14.92 2.53
C PHE B 352 6.69 -16.13 3.20
N GLN B 353 7.24 -17.33 3.00
CA GLN B 353 6.60 -18.52 3.53
C GLN B 353 6.56 -18.53 5.05
N THR B 354 7.55 -17.90 5.69
CA THR B 354 7.58 -17.77 7.14
C THR B 354 6.86 -16.52 7.62
N MET B 355 6.35 -15.69 6.72
CA MET B 355 5.67 -14.45 7.08
C MET B 355 4.16 -14.61 7.22
N TRP B 356 3.62 -15.78 6.89
CA TRP B 356 2.20 -16.03 7.09
C TRP B 356 1.86 -15.99 8.57
N VAL B 357 0.70 -15.41 8.89
CA VAL B 357 0.20 -15.41 10.26
C VAL B 357 -0.63 -16.68 10.44
N LYS B 358 -0.08 -17.63 11.20
CA LYS B 358 -0.74 -18.91 11.40
C LYS B 358 -1.94 -18.75 12.32
N LYS B 359 -2.84 -19.73 12.26
CA LYS B 359 -4.02 -19.71 13.12
C LYS B 359 -3.63 -19.88 14.60
N SER B 360 -2.52 -20.55 14.88
CA SER B 360 -2.07 -20.68 16.25
C SER B 360 -1.68 -19.33 16.84
N GLU B 361 -1.01 -18.49 16.04
CA GLU B 361 -0.70 -17.14 16.49
C GLU B 361 -1.95 -16.32 16.75
N TYR B 362 -3.01 -16.54 15.95
CA TYR B 362 -4.26 -15.86 16.18
C TYR B 362 -4.93 -16.34 17.47
N ASP B 363 -4.91 -17.64 17.73
CA ASP B 363 -5.47 -18.16 18.96
C ASP B 363 -4.68 -17.70 20.18
N GLU B 364 -3.38 -17.43 20.00
CA GLU B 364 -2.55 -16.99 21.12
C GLU B 364 -2.72 -15.50 21.39
N SER B 365 -2.34 -14.66 20.42
CA SER B 365 -2.31 -13.22 20.64
C SER B 365 -3.62 -12.52 20.31
N GLY B 366 -4.50 -13.14 19.53
CA GLY B 366 -5.74 -12.52 19.16
C GLY B 366 -5.66 -11.80 17.83
N PRO B 367 -6.70 -11.04 17.49
CA PRO B 367 -6.70 -10.32 16.21
C PRO B 367 -5.66 -9.20 16.14
N SER B 368 -5.08 -8.79 17.26
CA SER B 368 -4.09 -7.72 17.26
C SER B 368 -2.74 -8.16 16.71
N ILE B 369 -2.54 -9.45 16.48
CA ILE B 369 -1.23 -9.93 16.05
C ILE B 369 -0.84 -9.35 14.71
N VAL B 370 -1.82 -9.08 13.84
CA VAL B 370 -1.53 -8.50 12.54
C VAL B 370 -0.96 -7.08 12.66
N HIS B 371 -1.11 -6.45 13.81
CA HIS B 371 -0.47 -5.15 14.01
C HIS B 371 1.03 -5.28 14.12
N ASN B 372 1.52 -6.42 14.63
CA ASN B 372 2.95 -6.65 14.74
C ASN B 372 3.52 -7.35 13.52
N LYS B 373 2.81 -8.36 13.01
CA LYS B 373 3.33 -9.18 11.92
C LYS B 373 3.11 -8.56 10.54
N CYS B 374 2.10 -7.69 10.40
CA CYS B 374 1.76 -7.10 9.11
C CYS B 374 1.93 -5.58 9.21
N PHE B 375 3.13 -5.11 8.93
CA PHE B 375 3.42 -3.68 8.95
C PHE B 375 4.28 -3.29 7.75
#